data_5OT8
#
_entry.id   5OT8
#
_cell.length_a   115.720
_cell.length_b   115.720
_cell.length_c   38.030
_cell.angle_alpha   90.00
_cell.angle_beta   90.00
_cell.angle_gamma   120.00
#
_symmetry.space_group_name_H-M   'P 32'
#
loop_
_entity.id
_entity.type
_entity.pdbx_description
1 polymer 'Nopaline-binding periplasmic protein'
2 non-polymer octopine
3 non-polymer 1,2-ETHANEDIOL
4 non-polymer 'SULFATE ION'
5 non-polymer 'CHLORIDE ION'
6 non-polymer DI(HYDROXYETHYL)ETHER
7 water water
#
_entity_poly.entity_id   1
_entity_poly.type   'polypeptide(L)'
_entity_poly.pdbx_seq_one_letter_code
;MKDYKSITIATEGSYAPYNFKDAGGKLIGFDIDLGNDLCKRMNIECKFVEQAWDGIIPSLTAGRYDAIMAAMSIQPAREK
VIAFSRPYLLTPMTFLTTADSPLLKTQVAIENLPLDNITPEQKAELDKFTKIFEGVKFGVQAGTSHEAFMKQMMPSVQIS
TYDTIDNVVMDLKAGRIDASLASVSFLKPLTDKPDNKDLKMFGPRMTGGLFGKGVGVGIRKEDADLKALFDKAIDAAIAD
GTVQKLSQQWFGYDASPKQHHHHHH
;
_entity_poly.pdbx_strand_id   A,B
#
loop_
_chem_comp.id
_chem_comp.type
_chem_comp.name
_chem_comp.formula
6DB non-polymer octopine 'C9 H18 N4 O4'
CL non-polymer 'CHLORIDE ION' 'Cl -1'
EDO non-polymer 1,2-ETHANEDIOL 'C2 H6 O2'
PEG non-polymer DI(HYDROXYETHYL)ETHER 'C4 H10 O3'
SO4 non-polymer 'SULFATE ION' 'O4 S -2'
#
# COMPACT_ATOMS: atom_id res chain seq x y z
N ASP A 3 33.71 19.89 7.25
CA ASP A 3 32.72 20.91 7.56
C ASP A 3 31.36 20.32 7.99
N TYR A 4 30.73 19.50 7.11
CA TYR A 4 29.41 18.89 7.36
C TYR A 4 29.45 17.68 8.28
N LYS A 5 29.00 17.88 9.52
CA LYS A 5 28.90 16.86 10.56
C LYS A 5 27.48 16.27 10.52
N SER A 6 26.48 17.16 10.36
CA SER A 6 25.07 16.81 10.30
C SER A 6 24.33 17.67 9.27
N ILE A 7 23.36 17.07 8.55
CA ILE A 7 22.57 17.79 7.55
C ILE A 7 21.06 17.53 7.72
N THR A 8 20.24 18.47 7.28
CA THR A 8 18.78 18.38 7.27
C THR A 8 18.33 18.21 5.81
N ILE A 9 17.62 17.13 5.52
CA ILE A 9 17.12 16.84 4.17
C ILE A 9 15.61 17.04 4.14
N ALA A 10 15.13 17.86 3.18
CA ALA A 10 13.70 18.04 3.03
C ALA A 10 13.10 17.05 2.06
N THR A 11 11.86 16.66 2.35
CA THR A 11 11.05 15.77 1.54
C THR A 11 9.58 16.21 1.64
N GLU A 12 8.74 15.74 0.72
CA GLU A 12 7.32 16.15 0.69
C GLU A 12 6.42 15.30 1.60
N GLY A 13 6.57 13.97 1.53
CA GLY A 13 5.77 13.05 2.33
C GLY A 13 4.43 12.68 1.72
N SER A 14 4.21 13.04 0.43
CA SER A 14 2.96 12.80 -0.31
C SER A 14 3.21 12.25 -1.72
N TYR A 15 4.33 11.53 -1.92
CA TYR A 15 4.71 10.97 -3.24
C TYR A 15 5.20 9.51 -3.14
N ALA A 16 4.28 8.54 -2.88
CA ALA A 16 4.63 7.12 -2.77
C ALA A 16 5.04 6.55 -4.15
N PRO A 17 6.09 5.69 -4.22
CA PRO A 17 6.89 5.13 -3.14
C PRO A 17 8.22 5.84 -2.84
N TYR A 18 8.42 7.05 -3.35
CA TYR A 18 9.63 7.84 -3.12
C TYR A 18 9.70 8.37 -1.70
N ASN A 19 8.62 9.03 -1.27
CA ASN A 19 8.51 9.66 0.05
C ASN A 19 7.05 9.77 0.44
N PHE A 20 6.69 9.12 1.56
CA PHE A 20 5.34 9.11 2.11
C PHE A 20 5.37 8.82 3.61
N LYS A 21 4.21 8.71 4.25
CA LYS A 21 4.16 8.46 5.68
C LYS A 21 3.60 7.07 6.00
N ASP A 22 4.15 6.41 7.02
CA ASP A 22 3.69 5.10 7.46
C ASP A 22 2.45 5.25 8.38
N ALA A 23 1.95 4.13 8.94
CA ALA A 23 0.78 4.13 9.83
C ALA A 23 0.97 5.04 11.06
N GLY A 24 2.19 5.04 11.60
CA GLY A 24 2.58 5.86 12.75
C GLY A 24 3.00 7.29 12.43
N GLY A 25 2.84 7.71 11.16
CA GLY A 25 3.15 9.05 10.69
C GLY A 25 4.61 9.34 10.37
N LYS A 26 5.50 8.36 10.49
CA LYS A 26 6.94 8.50 10.19
C LYS A 26 7.18 8.54 8.67
N LEU A 27 8.16 9.36 8.22
CA LEU A 27 8.55 9.49 6.82
C LEU A 27 9.25 8.22 6.33
N ILE A 28 8.78 7.65 5.21
CA ILE A 28 9.30 6.42 4.61
C ILE A 28 9.39 6.53 3.09
N GLY A 29 10.07 5.57 2.47
CA GLY A 29 10.18 5.53 1.02
C GLY A 29 11.58 5.38 0.51
N PHE A 30 11.71 5.30 -0.82
CA PHE A 30 12.97 5.16 -1.54
C PHE A 30 13.95 6.30 -1.19
N ASP A 31 13.48 7.57 -1.20
CA ASP A 31 14.30 8.77 -0.91
C ASP A 31 14.87 8.75 0.50
N ILE A 32 14.08 8.25 1.47
CA ILE A 32 14.44 8.14 2.88
C ILE A 32 15.51 7.06 3.08
N ASP A 33 15.32 5.88 2.46
CA ASP A 33 16.26 4.75 2.52
C ASP A 33 17.56 5.07 1.81
N LEU A 34 17.49 5.75 0.65
CA LEU A 34 18.67 6.15 -0.10
C LEU A 34 19.41 7.29 0.61
N GLY A 35 18.68 8.28 1.10
CA GLY A 35 19.22 9.40 1.85
C GLY A 35 20.04 8.97 3.06
N ASN A 36 19.48 8.01 3.85
CA ASN A 36 20.14 7.46 5.03
C ASN A 36 21.38 6.66 4.66
N ASP A 37 21.30 5.84 3.58
CA ASP A 37 22.43 5.05 3.06
C ASP A 37 23.55 5.99 2.55
N LEU A 38 23.20 7.07 1.82
CA LEU A 38 24.20 8.02 1.30
C LEU A 38 24.94 8.75 2.41
N CYS A 39 24.22 9.14 3.47
CA CYS A 39 24.75 9.84 4.63
C CYS A 39 25.67 8.97 5.49
N LYS A 40 25.41 7.65 5.54
CA LYS A 40 26.24 6.66 6.24
C LYS A 40 27.60 6.55 5.53
N ARG A 41 27.57 6.59 4.18
CA ARG A 41 28.75 6.56 3.30
C ARG A 41 29.59 7.83 3.45
N MET A 42 28.91 8.98 3.58
CA MET A 42 29.51 10.31 3.70
C MET A 42 30.02 10.64 5.11
N ASN A 43 29.62 9.82 6.11
CA ASN A 43 29.90 9.99 7.55
C ASN A 43 29.29 11.31 8.05
N ILE A 44 28.03 11.53 7.67
CA ILE A 44 27.23 12.69 8.03
C ILE A 44 25.98 12.16 8.72
N GLU A 45 25.58 12.80 9.84
CA GLU A 45 24.36 12.50 10.59
C GLU A 45 23.19 13.02 9.71
N CYS A 46 22.15 12.20 9.56
CA CYS A 46 21.01 12.46 8.70
C CYS A 46 19.70 12.75 9.44
N LYS A 47 19.02 13.85 9.09
CA LYS A 47 17.71 14.23 9.65
C LYS A 47 16.74 14.64 8.51
N PHE A 48 15.62 13.90 8.36
CA PHE A 48 14.61 14.17 7.34
C PHE A 48 13.47 15.04 7.87
N VAL A 49 13.13 16.12 7.14
CA VAL A 49 12.04 17.05 7.49
C VAL A 49 10.95 17.08 6.40
N GLU A 50 9.70 17.33 6.81
CA GLU A 50 8.54 17.41 5.93
C GLU A 50 8.35 18.87 5.51
N GLN A 51 8.20 19.07 4.21
CA GLN A 51 8.03 20.36 3.57
C GLN A 51 7.06 20.19 2.38
N ALA A 52 6.08 21.09 2.23
CA ALA A 52 5.13 21.06 1.12
C ALA A 52 5.88 21.38 -0.19
N TRP A 53 5.45 20.76 -1.30
CA TRP A 53 6.03 20.90 -2.64
C TRP A 53 6.16 22.36 -3.11
N ASP A 54 5.13 23.18 -2.85
CA ASP A 54 5.14 24.61 -3.15
C ASP A 54 5.97 25.26 -2.01
N GLY A 55 7.17 25.75 -2.36
CA GLY A 55 8.07 26.36 -1.38
C GLY A 55 9.25 25.51 -0.92
N ILE A 56 9.43 24.30 -1.51
CA ILE A 56 10.52 23.38 -1.20
C ILE A 56 11.86 23.93 -1.77
N ILE A 57 11.83 24.49 -2.97
CA ILE A 57 13.04 25.11 -3.55
C ILE A 57 13.39 26.43 -2.82
N PRO A 58 12.46 27.41 -2.64
CA PRO A 58 12.81 28.65 -1.91
C PRO A 58 13.31 28.46 -0.48
N SER A 59 12.77 27.43 0.26
CA SER A 59 13.22 27.13 1.63
C SER A 59 14.63 26.55 1.66
N LEU A 60 15.06 25.87 0.57
CA LEU A 60 16.44 25.36 0.44
C LEU A 60 17.40 26.56 0.25
N THR A 61 17.08 27.48 -0.70
CA THR A 61 17.87 28.68 -0.99
C THR A 61 17.95 29.63 0.23
N ALA A 62 16.87 29.65 1.06
CA ALA A 62 16.78 30.47 2.27
C ALA A 62 17.58 29.86 3.44
N GLY A 63 18.02 28.61 3.30
CA GLY A 63 18.86 27.91 4.28
C GLY A 63 18.12 27.21 5.41
N ARG A 64 16.84 26.84 5.19
CA ARG A 64 16.01 26.16 6.20
C ARG A 64 16.43 24.70 6.42
N TYR A 65 17.13 24.14 5.42
CA TYR A 65 17.69 22.79 5.37
C TYR A 65 18.82 22.79 4.34
N ASP A 66 19.55 21.68 4.22
CA ASP A 66 20.74 21.55 3.37
C ASP A 66 20.51 20.84 2.03
N ALA A 67 19.50 19.98 1.94
CA ALA A 67 19.26 19.25 0.68
C ALA A 67 17.80 18.90 0.49
N ILE A 68 17.45 18.57 -0.74
CA ILE A 68 16.11 18.11 -1.13
C ILE A 68 16.25 16.72 -1.74
N MET A 69 15.46 15.76 -1.21
CA MET A 69 15.31 14.41 -1.73
C MET A 69 13.81 14.16 -1.75
N ALA A 70 13.13 14.62 -2.82
CA ALA A 70 11.68 14.53 -2.97
C ALA A 70 11.23 14.22 -4.42
N ALA A 71 11.79 13.15 -5.04
CA ALA A 71 11.52 12.70 -6.42
C ALA A 71 11.67 13.87 -7.43
N MET A 72 12.67 14.74 -7.20
CA MET A 72 12.90 15.94 -7.99
C MET A 72 13.78 15.75 -9.24
N SER A 73 13.16 15.92 -10.42
CA SER A 73 13.88 15.84 -11.69
C SER A 73 14.91 16.93 -11.80
N ILE A 74 16.02 16.59 -12.48
CA ILE A 74 17.10 17.49 -12.81
C ILE A 74 16.65 18.16 -14.11
N GLN A 75 15.83 19.19 -13.97
CA GLN A 75 15.30 19.89 -15.13
C GLN A 75 15.93 21.25 -15.27
N PRO A 76 16.06 21.74 -16.53
CA PRO A 76 16.76 23.01 -16.79
C PRO A 76 16.23 24.24 -16.05
N ALA A 77 14.92 24.34 -15.81
CA ALA A 77 14.31 25.47 -15.09
C ALA A 77 14.78 25.51 -13.62
N ARG A 78 14.87 24.34 -12.98
CA ARG A 78 15.35 24.17 -11.59
C ARG A 78 16.85 24.42 -11.46
N GLU A 79 17.64 24.03 -12.49
CA GLU A 79 19.11 24.23 -12.57
C GLU A 79 19.53 25.70 -12.58
N LYS A 80 18.60 26.59 -12.95
CA LYS A 80 18.82 28.03 -12.94
C LYS A 80 18.84 28.56 -11.51
N VAL A 81 18.18 27.86 -10.57
CA VAL A 81 17.99 28.26 -9.17
C VAL A 81 18.88 27.46 -8.21
N ILE A 82 18.88 26.15 -8.33
CA ILE A 82 19.64 25.28 -7.43
C ILE A 82 20.60 24.38 -8.22
N ALA A 83 21.50 23.71 -7.50
CA ALA A 83 22.41 22.72 -8.04
C ALA A 83 21.82 21.33 -7.77
N PHE A 84 22.25 20.35 -8.57
CA PHE A 84 21.81 18.99 -8.39
C PHE A 84 22.99 18.06 -8.31
N SER A 85 22.78 16.94 -7.63
CA SER A 85 23.75 15.85 -7.58
C SER A 85 23.59 15.13 -8.93
N ARG A 86 24.43 14.13 -9.19
CA ARG A 86 24.28 13.28 -10.37
C ARG A 86 22.98 12.42 -10.19
N PRO A 87 22.27 12.00 -11.27
CA PRO A 87 21.03 11.24 -11.07
C PRO A 87 21.17 9.94 -10.25
N TYR A 88 20.23 9.70 -9.34
CA TYR A 88 20.22 8.45 -8.56
C TYR A 88 19.14 7.49 -9.09
N LEU A 89 18.31 7.97 -10.04
CA LEU A 89 17.24 7.20 -10.66
C LEU A 89 16.90 7.82 -12.03
N LEU A 90 16.67 6.96 -13.03
CA LEU A 90 16.28 7.37 -14.39
C LEU A 90 14.90 6.82 -14.67
N THR A 91 14.02 7.66 -15.22
CA THR A 91 12.65 7.25 -15.53
C THR A 91 12.01 8.11 -16.61
N PRO A 92 11.40 7.49 -17.64
CA PRO A 92 10.62 8.27 -18.60
C PRO A 92 9.26 8.73 -17.99
N MET A 93 8.54 9.51 -18.79
CA MET A 93 7.23 10.04 -18.45
CA MET A 93 7.24 10.08 -18.51
C MET A 93 6.17 9.40 -19.33
N THR A 94 4.98 9.16 -18.76
CA THR A 94 3.88 8.57 -19.53
C THR A 94 2.54 9.12 -18.98
N PHE A 95 1.43 8.77 -19.65
CA PHE A 95 0.08 9.22 -19.33
C PHE A 95 -0.70 8.18 -18.50
N LEU A 96 -1.75 8.63 -17.79
CA LEU A 96 -2.57 7.79 -16.93
C LEU A 96 -4.04 8.08 -17.18
N THR A 97 -4.87 7.03 -17.24
CA THR A 97 -6.31 7.12 -17.42
C THR A 97 -7.00 5.91 -16.72
N THR A 98 -8.32 5.81 -16.88
CA THR A 98 -9.10 4.69 -16.35
C THR A 98 -9.07 3.51 -17.33
N ALA A 99 -9.30 2.28 -16.82
CA ALA A 99 -9.31 1.04 -17.61
C ALA A 99 -10.44 1.00 -18.67
N ASP A 100 -11.52 1.77 -18.44
CA ASP A 100 -12.67 1.86 -19.34
C ASP A 100 -12.60 3.05 -20.34
N SER A 101 -11.52 3.84 -20.31
CA SER A 101 -11.37 5.01 -21.16
C SER A 101 -11.17 4.70 -22.65
N PRO A 102 -11.88 5.41 -23.57
CA PRO A 102 -11.64 5.20 -25.01
C PRO A 102 -10.25 5.68 -25.45
N LEU A 103 -9.54 6.44 -24.56
CA LEU A 103 -8.16 6.91 -24.78
C LEU A 103 -7.20 5.72 -24.92
N LEU A 104 -7.54 4.56 -24.32
CA LEU A 104 -6.72 3.35 -24.40
C LEU A 104 -6.70 2.68 -25.80
N LYS A 105 -7.60 3.09 -26.73
CA LYS A 105 -7.65 2.47 -28.06
C LYS A 105 -6.86 3.30 -29.12
N THR A 106 -6.16 4.36 -28.67
CA THR A 106 -5.36 5.22 -29.55
C THR A 106 -4.01 4.58 -29.78
N GLN A 107 -3.64 4.41 -31.06
CA GLN A 107 -2.38 3.81 -31.45
C GLN A 107 -1.18 4.69 -31.09
N VAL A 108 -0.09 4.07 -30.62
CA VAL A 108 1.15 4.76 -30.27
C VAL A 108 2.16 4.42 -31.37
N ALA A 109 2.47 5.41 -32.23
CA ALA A 109 3.40 5.24 -33.35
C ALA A 109 4.86 5.22 -32.86
N ILE A 110 5.20 6.15 -31.96
CA ILE A 110 6.52 6.28 -31.35
C ILE A 110 6.40 5.90 -29.88
N GLU A 111 6.91 4.72 -29.50
CA GLU A 111 6.86 4.20 -28.14
C GLU A 111 7.75 5.00 -27.16
N ASN A 112 8.97 5.36 -27.59
CA ASN A 112 9.89 6.14 -26.77
C ASN A 112 10.16 7.48 -27.45
N LEU A 113 9.72 8.57 -26.82
CA LEU A 113 9.81 9.92 -27.36
C LEU A 113 10.90 10.82 -26.69
N PRO A 114 12.12 10.98 -27.31
CA PRO A 114 13.13 11.90 -26.72
C PRO A 114 12.87 13.35 -27.14
N LEU A 115 12.73 14.25 -26.15
CA LEU A 115 12.32 15.64 -26.37
C LEU A 115 13.44 16.69 -26.40
N ASP A 116 14.72 16.32 -26.22
CA ASP A 116 15.82 17.31 -26.31
C ASP A 116 15.81 18.00 -27.67
N ASN A 117 15.70 17.17 -28.73
CA ASN A 117 15.49 17.59 -30.12
C ASN A 117 14.14 17.00 -30.51
N ILE A 118 13.29 17.80 -31.19
CA ILE A 118 11.97 17.35 -31.63
C ILE A 118 11.97 17.34 -33.14
N THR A 119 12.05 16.13 -33.73
CA THR A 119 12.05 15.93 -35.17
C THR A 119 10.62 16.12 -35.71
N PRO A 120 10.39 16.32 -37.03
CA PRO A 120 9.00 16.46 -37.53
C PRO A 120 8.09 15.28 -37.18
N GLU A 121 8.63 14.05 -37.19
CA GLU A 121 7.91 12.82 -36.85
C GLU A 121 7.43 12.83 -35.37
N GLN A 122 8.29 13.30 -34.47
CA GLN A 122 8.04 13.40 -33.04
C GLN A 122 7.02 14.50 -32.74
N LYS A 123 7.07 15.61 -33.48
CA LYS A 123 6.11 16.71 -33.38
C LYS A 123 4.73 16.22 -33.83
N ALA A 124 4.67 15.45 -34.94
CA ALA A 124 3.42 14.88 -35.47
C ALA A 124 2.72 13.98 -34.45
N GLU A 125 3.51 13.18 -33.67
CA GLU A 125 3.01 12.27 -32.64
C GLU A 125 2.47 13.08 -31.44
N LEU A 126 3.21 14.13 -31.00
CA LEU A 126 2.80 15.01 -29.91
C LEU A 126 1.53 15.76 -30.30
N ASP A 127 1.45 16.24 -31.57
CA ASP A 127 0.29 16.96 -32.11
C ASP A 127 -0.95 16.06 -32.23
N LYS A 128 -0.76 14.74 -32.47
CA LYS A 128 -1.84 13.74 -32.54
C LYS A 128 -2.49 13.64 -31.16
N PHE A 129 -1.68 13.44 -30.10
CA PHE A 129 -2.13 13.32 -28.72
C PHE A 129 -2.74 14.61 -28.20
N THR A 130 -2.25 15.78 -28.65
CA THR A 130 -2.80 17.10 -28.29
C THR A 130 -4.26 17.18 -28.77
N LYS A 131 -4.51 16.82 -30.05
CA LYS A 131 -5.83 16.81 -30.69
C LYS A 131 -6.81 15.89 -29.97
N ILE A 132 -6.34 14.69 -29.59
CA ILE A 132 -7.11 13.68 -28.87
C ILE A 132 -7.48 14.17 -27.45
N PHE A 133 -6.52 14.82 -26.75
CA PHE A 133 -6.63 15.36 -25.39
C PHE A 133 -7.48 16.63 -25.27
N GLU A 134 -7.83 17.29 -26.39
CA GLU A 134 -8.70 18.46 -26.39
C GLU A 134 -10.13 17.96 -26.10
N GLY A 135 -10.80 18.59 -25.16
CA GLY A 135 -12.12 18.16 -24.72
C GLY A 135 -12.07 17.24 -23.51
N VAL A 136 -10.93 16.53 -23.34
CA VAL A 136 -10.63 15.64 -22.22
C VAL A 136 -10.09 16.50 -21.04
N LYS A 137 -10.57 16.24 -19.81
CA LYS A 137 -10.12 16.98 -18.62
C LYS A 137 -8.84 16.33 -18.09
N PHE A 138 -7.78 17.14 -17.95
CA PHE A 138 -6.50 16.71 -17.42
C PHE A 138 -6.28 17.27 -16.04
N GLY A 139 -5.63 16.48 -15.19
CA GLY A 139 -5.23 16.89 -13.86
C GLY A 139 -3.75 16.71 -13.69
N VAL A 140 -3.08 17.66 -13.03
CA VAL A 140 -1.63 17.63 -12.78
C VAL A 140 -1.34 18.20 -11.38
N GLN A 141 -0.24 17.78 -10.77
CA GLN A 141 0.18 18.38 -9.52
C GLN A 141 0.84 19.71 -9.93
N ALA A 142 0.52 20.79 -9.19
CA ALA A 142 1.05 22.13 -9.45
C ALA A 142 2.55 22.21 -9.11
N GLY A 143 3.28 23.01 -9.88
CA GLY A 143 4.71 23.24 -9.72
C GLY A 143 5.60 22.07 -10.05
N THR A 144 5.12 21.15 -10.93
CA THR A 144 5.87 19.97 -11.37
C THR A 144 6.21 20.10 -12.87
N SER A 145 7.04 19.18 -13.38
CA SER A 145 7.42 19.11 -14.79
C SER A 145 6.21 18.63 -15.63
N HIS A 146 5.21 18.00 -14.99
CA HIS A 146 3.97 17.53 -15.58
C HIS A 146 3.14 18.75 -16.04
N GLU A 147 2.99 19.74 -15.14
CA GLU A 147 2.27 20.99 -15.35
C GLU A 147 3.01 21.81 -16.41
N ALA A 148 4.34 21.91 -16.29
CA ALA A 148 5.20 22.62 -17.23
C ALA A 148 5.03 22.05 -18.65
N PHE A 149 4.99 20.68 -18.78
CA PHE A 149 4.78 19.97 -20.04
C PHE A 149 3.47 20.36 -20.67
N MET A 150 2.39 20.30 -19.90
CA MET A 150 1.06 20.64 -20.37
C MET A 150 0.93 22.09 -20.82
N LYS A 151 1.47 23.04 -20.05
CA LYS A 151 1.42 24.47 -20.40
C LYS A 151 2.24 24.85 -21.64
N GLN A 152 3.40 24.21 -21.84
CA GLN A 152 4.32 24.51 -22.95
C GLN A 152 4.11 23.66 -24.20
N MET A 153 3.90 22.36 -24.04
CA MET A 153 3.75 21.45 -25.16
C MET A 153 2.31 21.20 -25.60
N MET A 154 1.33 21.27 -24.67
CA MET A 154 -0.11 21.06 -24.99
C MET A 154 -0.99 22.23 -24.46
N PRO A 155 -0.73 23.52 -24.86
CA PRO A 155 -1.51 24.65 -24.30
C PRO A 155 -3.01 24.63 -24.55
N SER A 156 -3.46 24.03 -25.67
CA SER A 156 -4.87 23.95 -26.05
C SER A 156 -5.68 22.99 -25.16
N VAL A 157 -5.01 22.13 -24.38
CA VAL A 157 -5.61 21.13 -23.47
C VAL A 157 -5.96 21.75 -22.11
N GLN A 158 -7.21 21.49 -21.66
CA GLN A 158 -7.75 21.93 -20.38
C GLN A 158 -7.07 21.19 -19.23
N ILE A 159 -6.46 21.95 -18.29
CA ILE A 159 -5.82 21.35 -17.13
C ILE A 159 -6.33 21.96 -15.79
N SER A 160 -6.36 21.12 -14.75
CA SER A 160 -6.66 21.49 -13.37
C SER A 160 -5.39 21.16 -12.59
N THR A 161 -4.99 22.05 -11.68
CA THR A 161 -3.79 21.85 -10.87
C THR A 161 -4.18 21.50 -9.44
N TYR A 162 -3.43 20.56 -8.85
CA TYR A 162 -3.68 20.07 -7.51
C TYR A 162 -2.46 20.26 -6.63
N ASP A 163 -2.67 20.41 -5.31
CA ASP A 163 -1.61 20.58 -4.32
C ASP A 163 -0.72 19.32 -4.24
N THR A 164 -1.35 18.13 -4.25
CA THR A 164 -0.64 16.84 -4.16
C THR A 164 -1.09 15.88 -5.26
N ILE A 165 -0.26 14.87 -5.57
CA ILE A 165 -0.57 13.85 -6.57
C ILE A 165 -1.73 12.93 -6.13
N ASP A 166 -1.91 12.78 -4.79
CA ASP A 166 -2.95 11.95 -4.19
C ASP A 166 -4.35 12.43 -4.53
N ASN A 167 -4.55 13.76 -4.59
CA ASN A 167 -5.82 14.40 -4.97
C ASN A 167 -6.11 14.21 -6.46
N VAL A 168 -5.05 14.24 -7.33
CA VAL A 168 -5.11 13.97 -8.77
C VAL A 168 -5.71 12.56 -8.98
N VAL A 169 -5.11 11.55 -8.31
CA VAL A 169 -5.51 10.15 -8.36
C VAL A 169 -6.96 9.97 -7.85
N MET A 170 -7.28 10.63 -6.73
CA MET A 170 -8.61 10.64 -6.10
C MET A 170 -9.70 11.16 -7.07
N ASP A 171 -9.44 12.31 -7.75
CA ASP A 171 -10.34 12.91 -8.74
C ASP A 171 -10.42 12.11 -10.07
N LEU A 172 -9.35 11.40 -10.44
CA LEU A 172 -9.36 10.55 -11.63
C LEU A 172 -10.25 9.35 -11.40
N LYS A 173 -10.15 8.72 -10.21
CA LYS A 173 -11.00 7.61 -9.79
C LYS A 173 -12.47 8.06 -9.63
N ALA A 174 -12.70 9.30 -9.11
CA ALA A 174 -14.05 9.87 -8.92
C ALA A 174 -14.71 10.29 -10.23
N GLY A 175 -13.93 10.43 -11.30
CA GLY A 175 -14.41 10.83 -12.62
C GLY A 175 -14.45 12.32 -12.85
N ARG A 176 -13.81 13.10 -11.95
CA ARG A 176 -13.74 14.56 -12.02
C ARG A 176 -12.70 15.04 -13.05
N ILE A 177 -11.72 14.15 -13.39
CA ILE A 177 -10.72 14.32 -14.45
C ILE A 177 -10.69 13.02 -15.27
N ASP A 178 -10.26 13.13 -16.54
CA ASP A 178 -10.22 12.00 -17.46
C ASP A 178 -8.85 11.38 -17.64
N ALA A 179 -7.78 12.15 -17.38
CA ALA A 179 -6.41 11.73 -17.55
C ALA A 179 -5.41 12.54 -16.72
N SER A 180 -4.15 12.07 -16.69
CA SER A 180 -3.02 12.70 -16.02
C SER A 180 -1.70 12.22 -16.63
N LEU A 181 -0.58 12.68 -16.05
CA LEU A 181 0.76 12.28 -16.44
C LEU A 181 1.71 12.37 -15.25
N ALA A 182 2.70 11.48 -15.22
CA ALA A 182 3.73 11.35 -14.17
C ALA A 182 4.80 10.40 -14.74
N SER A 183 5.83 10.09 -13.96
CA SER A 183 6.85 9.16 -14.41
C SER A 183 6.35 7.74 -14.29
N VAL A 184 6.98 6.81 -15.03
CA VAL A 184 6.69 5.37 -14.95
C VAL A 184 7.05 4.87 -13.51
N SER A 185 8.08 5.48 -12.88
CA SER A 185 8.47 5.12 -11.52
C SER A 185 7.35 5.37 -10.49
N PHE A 186 6.45 6.34 -10.76
CA PHE A 186 5.27 6.61 -9.93
C PHE A 186 4.05 5.74 -10.39
N LEU A 187 3.78 5.70 -11.71
CA LEU A 187 2.60 5.02 -12.29
C LEU A 187 2.64 3.50 -12.29
N LYS A 188 3.83 2.88 -12.48
CA LYS A 188 3.92 1.41 -12.45
C LYS A 188 3.56 0.86 -11.05
N PRO A 189 4.18 1.28 -9.90
CA PRO A 189 3.73 0.75 -8.59
C PRO A 189 2.29 1.13 -8.23
N LEU A 190 1.79 2.27 -8.76
CA LEU A 190 0.40 2.68 -8.54
C LEU A 190 -0.56 1.73 -9.30
N THR A 191 -0.31 1.47 -10.60
CA THR A 191 -1.14 0.60 -11.44
C THR A 191 -0.91 -0.91 -11.15
N ASP A 192 0.21 -1.30 -10.51
CA ASP A 192 0.47 -2.72 -10.16
C ASP A 192 -0.38 -3.17 -8.96
N LYS A 193 -0.81 -2.21 -8.12
CA LYS A 193 -1.65 -2.45 -6.94
C LYS A 193 -3.01 -3.05 -7.37
N PRO A 194 -3.51 -4.14 -6.72
CA PRO A 194 -4.83 -4.68 -7.10
C PRO A 194 -5.96 -3.69 -6.79
N ASP A 195 -5.66 -2.70 -5.93
CA ASP A 195 -6.51 -1.57 -5.52
C ASP A 195 -6.84 -0.71 -6.74
N ASN A 196 -5.84 -0.55 -7.66
CA ASN A 196 -5.90 0.30 -8.84
C ASN A 196 -5.90 -0.47 -10.16
N LYS A 197 -6.72 -1.53 -10.20
CA LYS A 197 -6.98 -2.37 -11.36
C LYS A 197 -7.77 -1.60 -12.44
N ASP A 198 -8.54 -0.59 -11.99
CA ASP A 198 -9.36 0.33 -12.77
C ASP A 198 -8.56 1.51 -13.41
N LEU A 199 -7.22 1.57 -13.19
CA LEU A 199 -6.32 2.60 -13.71
C LEU A 199 -5.29 1.98 -14.68
N LYS A 200 -4.93 2.71 -15.76
CA LYS A 200 -3.97 2.22 -16.77
C LYS A 200 -3.03 3.30 -17.28
N MET A 201 -1.76 2.92 -17.52
CA MET A 201 -0.73 3.75 -18.14
C MET A 201 -1.00 3.63 -19.65
N PHE A 202 -0.80 4.73 -20.40
CA PHE A 202 -0.96 4.71 -21.86
C PHE A 202 -0.13 5.80 -22.52
N GLY A 203 -0.02 5.75 -23.85
CA GLY A 203 0.70 6.72 -24.66
C GLY A 203 2.21 6.54 -24.72
N PRO A 204 2.92 7.46 -25.40
CA PRO A 204 4.38 7.33 -25.48
C PRO A 204 5.12 7.55 -24.14
N ARG A 205 6.34 7.02 -24.04
CA ARG A 205 7.24 7.19 -22.90
C ARG A 205 8.22 8.30 -23.28
N MET A 206 8.13 9.48 -22.62
CA MET A 206 8.93 10.65 -22.95
C MET A 206 10.10 10.91 -22.00
N THR A 207 11.19 11.45 -22.54
CA THR A 207 12.40 11.82 -21.81
C THR A 207 12.95 13.12 -22.40
N GLY A 208 13.86 13.75 -21.67
CA GLY A 208 14.55 14.96 -22.14
C GLY A 208 13.70 16.21 -22.27
N GLY A 209 14.26 17.19 -22.96
CA GLY A 209 13.63 18.49 -23.16
C GLY A 209 13.45 19.17 -21.83
N LEU A 210 12.22 19.57 -21.54
CA LEU A 210 11.89 20.24 -20.29
C LEU A 210 11.90 19.29 -19.06
N PHE A 211 11.81 17.95 -19.26
CA PHE A 211 11.86 16.96 -18.17
C PHE A 211 13.29 16.69 -17.68
N GLY A 212 14.29 17.01 -18.52
CA GLY A 212 15.71 16.78 -18.26
C GLY A 212 16.03 15.30 -18.17
N LYS A 213 17.13 14.95 -17.47
CA LYS A 213 17.55 13.56 -17.33
C LYS A 213 17.77 13.15 -15.85
N GLY A 214 16.87 12.27 -15.37
CA GLY A 214 16.89 11.71 -14.04
C GLY A 214 16.42 12.54 -12.86
N VAL A 215 16.41 11.90 -11.69
CA VAL A 215 16.06 12.45 -10.38
C VAL A 215 17.38 12.58 -9.58
N GLY A 216 17.58 13.77 -8.99
CA GLY A 216 18.78 14.07 -8.23
C GLY A 216 18.49 14.74 -6.90
N VAL A 217 19.55 14.90 -6.08
CA VAL A 217 19.49 15.58 -4.78
C VAL A 217 19.66 17.08 -5.09
N GLY A 218 18.74 17.90 -4.57
CA GLY A 218 18.77 19.35 -4.71
C GLY A 218 19.64 19.96 -3.64
N ILE A 219 20.66 20.74 -4.05
CA ILE A 219 21.65 21.37 -3.16
C ILE A 219 21.75 22.84 -3.57
N ARG A 220 22.18 23.74 -2.65
CA ARG A 220 22.40 25.16 -2.97
C ARG A 220 23.60 25.25 -3.89
N LYS A 221 23.60 26.21 -4.81
CA LYS A 221 24.70 26.41 -5.75
C LYS A 221 26.07 26.70 -5.07
N GLU A 222 26.07 27.45 -3.96
CA GLU A 222 27.28 27.78 -3.21
C GLU A 222 27.86 26.58 -2.39
N ASP A 223 27.10 25.47 -2.26
CA ASP A 223 27.53 24.26 -1.51
C ASP A 223 28.19 23.19 -2.41
N ALA A 224 29.25 23.58 -3.14
CA ALA A 224 30.04 22.73 -4.07
C ALA A 224 30.64 21.48 -3.41
N ASP A 225 31.06 21.60 -2.13
CA ASP A 225 31.65 20.50 -1.36
C ASP A 225 30.61 19.44 -1.01
N LEU A 226 29.39 19.86 -0.59
CA LEU A 226 28.29 18.95 -0.29
C LEU A 226 27.82 18.18 -1.55
N LYS A 227 27.87 18.85 -2.72
CA LYS A 227 27.52 18.25 -4.02
C LYS A 227 28.54 17.17 -4.38
N ALA A 228 29.84 17.44 -4.17
CA ALA A 228 30.94 16.51 -4.44
C ALA A 228 30.82 15.25 -3.57
N LEU A 229 30.46 15.44 -2.27
CA LEU A 229 30.23 14.36 -1.29
C LEU A 229 29.05 13.47 -1.73
N PHE A 230 27.91 14.09 -2.12
CA PHE A 230 26.72 13.38 -2.60
C PHE A 230 27.01 12.59 -3.88
N ASP A 231 27.76 13.18 -4.83
CA ASP A 231 28.12 12.54 -6.10
C ASP A 231 28.99 11.29 -5.89
N LYS A 232 29.96 11.37 -4.96
CA LYS A 232 30.85 10.27 -4.60
C LYS A 232 30.03 9.13 -3.94
N ALA A 233 29.11 9.49 -3.01
CA ALA A 233 28.24 8.55 -2.31
C ALA A 233 27.25 7.85 -3.27
N ILE A 234 26.64 8.61 -4.21
CA ILE A 234 25.72 8.10 -5.22
C ILE A 234 26.42 7.13 -6.17
N ASP A 235 27.64 7.48 -6.63
CA ASP A 235 28.46 6.62 -7.50
C ASP A 235 28.76 5.27 -6.85
N ALA A 236 29.08 5.27 -5.54
CA ALA A 236 29.37 4.06 -4.76
C ALA A 236 28.11 3.21 -4.52
N ALA A 237 26.95 3.86 -4.26
CA ALA A 237 25.67 3.18 -4.03
C ALA A 237 25.15 2.51 -5.32
N ILE A 238 25.42 3.12 -6.48
CA ILE A 238 25.05 2.56 -7.78
C ILE A 238 25.93 1.34 -8.07
N ALA A 239 27.27 1.51 -7.94
CA ALA A 239 28.28 0.48 -8.20
C ALA A 239 28.13 -0.82 -7.39
N ASP A 240 27.72 -0.74 -6.09
CA ASP A 240 27.61 -1.95 -5.25
C ASP A 240 26.20 -2.62 -5.30
N GLY A 241 25.28 -2.05 -6.08
CA GLY A 241 23.94 -2.58 -6.27
C GLY A 241 22.87 -2.16 -5.29
N THR A 242 23.20 -1.20 -4.38
CA THR A 242 22.30 -0.64 -3.36
C THR A 242 21.09 0.09 -3.99
N VAL A 243 21.32 0.94 -5.02
CA VAL A 243 20.24 1.68 -5.67
C VAL A 243 19.29 0.70 -6.41
N GLN A 244 19.84 -0.36 -7.02
CA GLN A 244 19.08 -1.40 -7.70
C GLN A 244 18.22 -2.20 -6.69
N LYS A 245 18.80 -2.54 -5.52
CA LYS A 245 18.13 -3.27 -4.44
C LYS A 245 16.97 -2.46 -3.85
N LEU A 246 17.15 -1.15 -3.66
CA LEU A 246 16.12 -0.27 -3.09
C LEU A 246 15.05 0.02 -4.12
N SER A 247 15.42 0.12 -5.40
CA SER A 247 14.50 0.35 -6.51
C SER A 247 13.55 -0.85 -6.64
N GLN A 248 14.08 -2.09 -6.61
CA GLN A 248 13.24 -3.32 -6.69
C GLN A 248 12.25 -3.41 -5.51
N GLN A 249 12.72 -3.05 -4.32
CA GLN A 249 11.99 -3.03 -3.06
C GLN A 249 10.79 -2.08 -3.08
N TRP A 250 10.99 -0.82 -3.48
CA TRP A 250 9.96 0.19 -3.47
C TRP A 250 9.17 0.32 -4.78
N PHE A 251 9.83 0.17 -5.96
CA PHE A 251 9.16 0.32 -7.25
C PHE A 251 8.71 -1.01 -7.91
N GLY A 252 9.28 -2.13 -7.48
CA GLY A 252 8.98 -3.44 -8.04
C GLY A 252 9.68 -3.71 -9.37
N TYR A 253 10.70 -2.86 -9.72
CA TYR A 253 11.52 -2.97 -10.93
C TYR A 253 12.80 -2.15 -10.76
N ASP A 254 13.77 -2.35 -11.65
CA ASP A 254 15.04 -1.64 -11.59
C ASP A 254 15.06 -0.35 -12.44
N ALA A 255 15.03 0.82 -11.76
CA ALA A 255 15.06 2.15 -12.39
C ALA A 255 16.38 2.88 -12.11
N SER A 256 17.35 2.18 -11.49
CA SER A 256 18.66 2.74 -11.18
C SER A 256 19.48 3.07 -12.45
N PRO A 257 20.38 4.07 -12.41
CA PRO A 257 21.21 4.35 -13.61
C PRO A 257 22.23 3.24 -13.86
N LYS A 258 22.71 3.09 -15.11
CA LYS A 258 23.69 2.04 -15.46
C LYS A 258 25.14 2.51 -15.43
N TYR B 4 -34.45 -15.77 -3.72
CA TYR B 4 -33.61 -14.58 -3.68
C TYR B 4 -33.41 -13.98 -5.08
N LYS B 5 -33.28 -12.64 -5.14
CA LYS B 5 -33.05 -11.90 -6.39
C LYS B 5 -31.85 -10.97 -6.19
N SER B 6 -31.82 -10.28 -5.04
CA SER B 6 -30.77 -9.34 -4.65
C SER B 6 -30.46 -9.45 -3.16
N ILE B 7 -29.17 -9.34 -2.78
CA ILE B 7 -28.74 -9.38 -1.38
C ILE B 7 -27.83 -8.21 -1.02
N THR B 8 -27.82 -7.84 0.26
CA THR B 8 -26.96 -6.81 0.81
C THR B 8 -25.90 -7.50 1.68
N ILE B 9 -24.62 -7.28 1.37
CA ILE B 9 -23.52 -7.89 2.12
C ILE B 9 -22.82 -6.81 2.93
N ALA B 10 -22.65 -7.04 4.24
CA ALA B 10 -21.94 -6.11 5.08
C ALA B 10 -20.46 -6.44 5.15
N THR B 11 -19.65 -5.39 5.23
CA THR B 11 -18.21 -5.46 5.38
C THR B 11 -17.76 -4.31 6.29
N GLU B 12 -16.54 -4.40 6.81
CA GLU B 12 -16.01 -3.39 7.72
C GLU B 12 -15.40 -2.16 6.99
N GLY B 13 -14.54 -2.42 6.01
CA GLY B 13 -13.84 -1.39 5.24
C GLY B 13 -12.56 -0.88 5.91
N SER B 14 -12.10 -1.58 6.96
CA SER B 14 -10.91 -1.21 7.75
C SER B 14 -10.00 -2.43 8.03
N TYR B 15 -10.01 -3.45 7.14
CA TYR B 15 -9.22 -4.67 7.30
C TYR B 15 -8.52 -5.10 6.00
N ALA B 16 -7.46 -4.36 5.58
CA ALA B 16 -6.71 -4.67 4.35
C ALA B 16 -5.90 -5.97 4.51
N PRO B 17 -5.84 -6.86 3.48
CA PRO B 17 -6.39 -6.74 2.12
C PRO B 17 -7.75 -7.41 1.88
N TYR B 18 -8.45 -7.79 2.96
CA TYR B 18 -9.77 -8.42 2.87
C TYR B 18 -10.85 -7.43 2.43
N ASN B 19 -10.92 -6.30 3.13
CA ASN B 19 -11.91 -5.25 2.90
C ASN B 19 -11.37 -3.92 3.39
N PHE B 20 -11.23 -2.95 2.48
CA PHE B 20 -10.73 -1.60 2.76
C PHE B 20 -11.25 -0.62 1.72
N LYS B 21 -10.81 0.63 1.79
CA LYS B 21 -11.28 1.64 0.85
C LYS B 21 -10.15 2.11 -0.06
N ASP B 22 -10.48 2.37 -1.35
CA ASP B 22 -9.50 2.87 -2.31
C ASP B 22 -9.35 4.40 -2.19
N ALA B 23 -8.54 5.02 -3.07
CA ALA B 23 -8.30 6.46 -3.07
C ALA B 23 -9.61 7.29 -3.20
N GLY B 24 -10.55 6.79 -4.01
CA GLY B 24 -11.86 7.40 -4.21
C GLY B 24 -12.93 7.03 -3.19
N GLY B 25 -12.54 6.30 -2.13
CA GLY B 25 -13.43 5.89 -1.06
C GLY B 25 -14.30 4.66 -1.30
N LYS B 26 -14.16 4.01 -2.48
CA LYS B 26 -14.90 2.80 -2.83
C LYS B 26 -14.38 1.57 -2.06
N LEU B 27 -15.29 0.65 -1.65
CA LEU B 27 -14.95 -0.59 -0.95
C LEU B 27 -14.23 -1.56 -1.90
N ILE B 28 -13.06 -2.06 -1.48
CA ILE B 28 -12.22 -2.97 -2.26
C ILE B 28 -11.64 -4.07 -1.38
N GLY B 29 -11.05 -5.08 -2.02
CA GLY B 29 -10.41 -6.16 -1.30
C GLY B 29 -10.86 -7.52 -1.72
N PHE B 30 -10.23 -8.55 -1.12
CA PHE B 30 -10.51 -9.96 -1.37
C PHE B 30 -11.99 -10.32 -1.17
N ASP B 31 -12.61 -9.86 -0.05
CA ASP B 31 -14.01 -10.14 0.29
C ASP B 31 -14.98 -9.57 -0.72
N ILE B 32 -14.65 -8.37 -1.27
CA ILE B 32 -15.45 -7.67 -2.29
C ILE B 32 -15.39 -8.41 -3.62
N ASP B 33 -14.17 -8.82 -4.06
CA ASP B 33 -13.94 -9.55 -5.30
C ASP B 33 -14.55 -10.95 -5.25
N LEU B 34 -14.41 -11.63 -4.09
CA LEU B 34 -14.99 -12.96 -3.90
C LEU B 34 -16.51 -12.89 -3.80
N GLY B 35 -17.03 -11.93 -3.04
CA GLY B 35 -18.46 -11.69 -2.87
C GLY B 35 -19.18 -11.48 -4.18
N ASN B 36 -18.59 -10.63 -5.06
CA ASN B 36 -19.14 -10.33 -6.39
C ASN B 36 -19.09 -11.56 -7.29
N ASP B 37 -17.99 -12.33 -7.26
CA ASP B 37 -17.83 -13.56 -8.01
C ASP B 37 -18.84 -14.63 -7.54
N LEU B 38 -19.04 -14.78 -6.22
CA LEU B 38 -20.00 -15.76 -5.69
C LEU B 38 -21.44 -15.46 -6.09
N CYS B 39 -21.83 -14.17 -6.09
CA CYS B 39 -23.16 -13.73 -6.46
C CYS B 39 -23.45 -13.88 -7.94
N LYS B 40 -22.42 -13.74 -8.81
CA LYS B 40 -22.51 -13.95 -10.25
C LYS B 40 -22.85 -15.43 -10.51
N ARG B 41 -22.24 -16.33 -9.73
CA ARG B 41 -22.45 -17.79 -9.78
C ARG B 41 -23.85 -18.16 -9.31
N MET B 42 -24.34 -17.47 -8.26
CA MET B 42 -25.64 -17.69 -7.63
C MET B 42 -26.80 -17.05 -8.41
N ASN B 43 -26.48 -16.16 -9.38
CA ASN B 43 -27.43 -15.35 -10.17
C ASN B 43 -28.25 -14.44 -9.24
N ILE B 44 -27.52 -13.78 -8.33
CA ILE B 44 -28.07 -12.85 -7.35
C ILE B 44 -27.34 -11.52 -7.55
N GLU B 45 -28.10 -10.41 -7.51
CA GLU B 45 -27.56 -9.05 -7.59
C GLU B 45 -26.85 -8.78 -6.26
N CYS B 46 -25.65 -8.21 -6.33
CA CYS B 46 -24.78 -7.97 -5.17
C CYS B 46 -24.61 -6.49 -4.80
N LYS B 47 -24.82 -6.14 -3.53
CA LYS B 47 -24.64 -4.79 -3.01
C LYS B 47 -23.86 -4.83 -1.68
N PHE B 48 -22.67 -4.20 -1.65
CA PHE B 48 -21.80 -4.14 -0.46
C PHE B 48 -22.04 -2.88 0.36
N VAL B 49 -22.25 -3.05 1.69
CA VAL B 49 -22.46 -1.93 2.63
C VAL B 49 -21.36 -1.89 3.71
N GLU B 50 -21.03 -0.68 4.20
CA GLU B 50 -20.03 -0.47 5.23
C GLU B 50 -20.72 -0.47 6.60
N GLN B 51 -20.15 -1.25 7.53
CA GLN B 51 -20.66 -1.45 8.87
C GLN B 51 -19.48 -1.59 9.83
N ALA B 52 -19.51 -0.89 10.98
CA ALA B 52 -18.45 -1.00 12.01
C ALA B 52 -18.48 -2.41 12.63
N TRP B 53 -17.31 -2.95 12.97
CA TRP B 53 -17.13 -4.30 13.51
C TRP B 53 -17.97 -4.61 14.76
N ASP B 54 -18.06 -3.68 15.73
CA ASP B 54 -18.81 -3.91 16.97
C ASP B 54 -20.31 -4.18 16.79
N GLY B 55 -20.90 -3.71 15.69
CA GLY B 55 -22.31 -3.94 15.41
C GLY B 55 -22.59 -4.81 14.19
N ILE B 56 -21.57 -5.51 13.66
CA ILE B 56 -21.72 -6.33 12.44
C ILE B 56 -22.65 -7.57 12.67
N ILE B 57 -22.49 -8.34 13.77
CA ILE B 57 -23.34 -9.52 14.03
C ILE B 57 -24.78 -9.10 14.43
N PRO B 58 -25.00 -8.20 15.43
CA PRO B 58 -26.38 -7.82 15.77
C PRO B 58 -27.23 -7.22 14.65
N SER B 59 -26.59 -6.44 13.73
CA SER B 59 -27.28 -5.82 12.58
C SER B 59 -27.67 -6.88 11.54
N LEU B 60 -26.93 -8.02 11.47
CA LEU B 60 -27.28 -9.14 10.59
C LEU B 60 -28.55 -9.84 11.15
N THR B 61 -28.55 -10.17 12.46
CA THR B 61 -29.68 -10.81 13.16
C THR B 61 -30.95 -9.92 13.14
N ALA B 62 -30.75 -8.59 13.14
CA ALA B 62 -31.84 -7.60 13.08
C ALA B 62 -32.41 -7.43 11.66
N GLY B 63 -31.73 -7.97 10.66
CA GLY B 63 -32.14 -7.96 9.26
C GLY B 63 -31.80 -6.73 8.45
N ARG B 64 -30.74 -6.00 8.85
CA ARG B 64 -30.29 -4.77 8.18
C ARG B 64 -29.62 -5.07 6.83
N TYR B 65 -29.14 -6.31 6.68
CA TYR B 65 -28.50 -6.89 5.49
C TYR B 65 -28.64 -8.42 5.57
N ASP B 66 -28.22 -9.12 4.52
CA ASP B 66 -28.39 -10.57 4.39
C ASP B 66 -27.14 -11.41 4.70
N ALA B 67 -25.95 -10.84 4.52
CA ALA B 67 -24.70 -11.55 4.74
C ALA B 67 -23.58 -10.69 5.29
N ILE B 68 -22.57 -11.35 5.89
CA ILE B 68 -21.33 -10.72 6.36
C ILE B 68 -20.17 -11.37 5.63
N MET B 69 -19.32 -10.54 4.99
CA MET B 69 -18.07 -10.91 4.36
C MET B 69 -17.07 -9.87 4.82
N ALA B 70 -16.51 -10.07 6.03
CA ALA B 70 -15.58 -9.14 6.67
C ALA B 70 -14.45 -9.84 7.44
N ALA B 71 -13.73 -10.79 6.77
CA ALA B 71 -12.63 -11.60 7.34
C ALA B 71 -13.05 -12.29 8.65
N MET B 72 -14.31 -12.75 8.72
CA MET B 72 -14.87 -13.37 9.90
C MET B 72 -14.56 -14.85 10.03
N SER B 73 -13.73 -15.15 11.04
CA SER B 73 -13.30 -16.51 11.41
C SER B 73 -14.50 -17.25 11.99
N ILE B 74 -14.77 -18.49 11.48
CA ILE B 74 -15.86 -19.35 11.93
C ILE B 74 -15.54 -19.85 13.37
N GLN B 75 -15.81 -18.99 14.37
CA GLN B 75 -15.53 -19.28 15.77
C GLN B 75 -16.72 -19.96 16.44
N PRO B 76 -16.51 -20.98 17.32
CA PRO B 76 -17.66 -21.63 18.00
C PRO B 76 -18.62 -20.69 18.73
N ALA B 77 -18.11 -19.58 19.32
CA ALA B 77 -18.92 -18.57 20.02
C ALA B 77 -19.89 -17.86 19.07
N ARG B 78 -19.43 -17.55 17.83
CA ARG B 78 -20.24 -16.90 16.79
C ARG B 78 -21.29 -17.85 16.20
N GLU B 79 -20.96 -19.16 16.11
CA GLU B 79 -21.84 -20.23 15.60
C GLU B 79 -23.07 -20.48 16.49
N LYS B 80 -23.05 -19.93 17.73
CA LYS B 80 -24.17 -19.99 18.68
C LYS B 80 -25.23 -18.91 18.32
N VAL B 81 -24.82 -17.85 17.61
CA VAL B 81 -25.64 -16.70 17.23
C VAL B 81 -26.04 -16.72 15.75
N ILE B 82 -25.07 -16.91 14.85
CA ILE B 82 -25.30 -16.91 13.41
C ILE B 82 -24.84 -18.21 12.77
N ALA B 83 -25.21 -18.41 11.50
CA ALA B 83 -24.77 -19.55 10.70
C ALA B 83 -23.61 -19.08 9.82
N PHE B 84 -22.80 -20.03 9.39
CA PHE B 84 -21.69 -19.75 8.51
C PHE B 84 -21.72 -20.63 7.29
N SER B 85 -21.15 -20.12 6.20
CA SER B 85 -20.94 -20.87 4.99
C SER B 85 -19.71 -21.76 5.27
N ARG B 86 -19.36 -22.63 4.33
CA ARG B 86 -18.14 -23.42 4.43
C ARG B 86 -16.91 -22.44 4.27
N PRO B 87 -15.73 -22.73 4.86
CA PRO B 87 -14.61 -21.77 4.75
C PRO B 87 -14.17 -21.42 3.32
N TYR B 88 -13.92 -20.14 3.06
CA TYR B 88 -13.42 -19.71 1.74
C TYR B 88 -11.93 -19.39 1.80
N LEU B 89 -11.36 -19.40 3.01
CA LEU B 89 -9.95 -19.14 3.27
C LEU B 89 -9.54 -19.78 4.60
N LEU B 90 -8.33 -20.39 4.63
CA LEU B 90 -7.77 -21.01 5.84
C LEU B 90 -6.50 -20.27 6.20
N THR B 91 -6.32 -19.95 7.49
CA THR B 91 -5.14 -19.20 7.97
C THR B 91 -4.84 -19.40 9.47
N PRO B 92 -3.55 -19.60 9.86
CA PRO B 92 -3.23 -19.69 11.29
C PRO B 92 -3.09 -18.30 11.92
N MET B 93 -2.89 -18.26 13.23
CA MET B 93 -2.72 -17.02 13.97
C MET B 93 -1.31 -16.91 14.49
N THR B 94 -0.78 -15.69 14.52
CA THR B 94 0.55 -15.43 15.06
C THR B 94 0.60 -14.03 15.71
N PHE B 95 1.76 -13.71 16.27
CA PHE B 95 2.01 -12.47 17.00
C PHE B 95 2.74 -11.45 16.16
N LEU B 96 2.63 -10.16 16.53
CA LEU B 96 3.24 -9.04 15.82
C LEU B 96 3.95 -8.12 16.80
N THR B 97 5.16 -7.65 16.42
CA THR B 97 5.96 -6.71 17.21
C THR B 97 6.86 -5.88 16.28
N THR B 98 7.73 -5.04 16.85
CA THR B 98 8.69 -4.24 16.11
C THR B 98 9.96 -5.08 15.87
N ALA B 99 10.74 -4.74 14.83
CA ALA B 99 11.98 -5.42 14.46
C ALA B 99 13.08 -5.30 15.54
N ASP B 100 13.02 -4.25 16.38
CA ASP B 100 13.98 -3.97 17.46
C ASP B 100 13.53 -4.49 18.84
N SER B 101 12.38 -5.19 18.91
CA SER B 101 11.81 -5.69 20.17
C SER B 101 12.62 -6.82 20.81
N PRO B 102 12.87 -6.76 22.16
CA PRO B 102 13.58 -7.87 22.83
C PRO B 102 12.76 -9.16 22.87
N LEU B 103 11.42 -9.08 22.63
CA LEU B 103 10.51 -10.23 22.60
C LEU B 103 10.95 -11.26 21.56
N LEU B 104 11.62 -10.78 20.50
CA LEU B 104 12.14 -11.56 19.36
C LEU B 104 13.28 -12.49 19.74
N LYS B 105 14.10 -12.14 20.74
CA LYS B 105 15.20 -13.01 21.14
C LYS B 105 14.71 -14.28 21.88
N THR B 106 13.38 -14.44 22.01
CA THR B 106 12.77 -15.63 22.61
C THR B 106 12.66 -16.73 21.55
N GLN B 107 13.24 -17.90 21.85
CA GLN B 107 13.24 -19.06 20.99
C GLN B 107 11.83 -19.64 20.84
N VAL B 108 11.50 -20.14 19.65
CA VAL B 108 10.22 -20.78 19.36
C VAL B 108 10.48 -22.29 19.26
N ALA B 109 10.03 -23.05 20.28
CA ALA B 109 10.21 -24.50 20.33
C ALA B 109 9.25 -25.23 19.36
N ILE B 110 7.99 -24.76 19.27
CA ILE B 110 6.97 -25.36 18.39
C ILE B 110 6.57 -24.39 17.29
N GLU B 111 6.86 -24.77 16.04
CA GLU B 111 6.58 -24.05 14.79
C GLU B 111 5.09 -23.77 14.61
N ASN B 112 4.29 -24.85 14.55
CA ASN B 112 2.85 -24.89 14.35
C ASN B 112 2.21 -25.51 15.58
N LEU B 113 1.39 -24.74 16.28
CA LEU B 113 0.76 -25.09 17.54
C LEU B 113 -0.79 -25.33 17.40
N PRO B 114 -1.26 -26.59 17.25
CA PRO B 114 -2.71 -26.84 17.18
C PRO B 114 -3.33 -26.81 18.59
N LEU B 115 -4.41 -26.04 18.77
CA LEU B 115 -5.06 -25.82 20.07
C LEU B 115 -6.29 -26.68 20.35
N ASP B 116 -6.56 -27.67 19.49
CA ASP B 116 -7.69 -28.59 19.63
C ASP B 116 -7.54 -29.54 20.82
N ASN B 117 -6.32 -30.09 21.02
CA ASN B 117 -6.01 -30.99 22.14
C ASN B 117 -4.60 -30.74 22.69
N ILE B 118 -4.45 -29.62 23.43
CA ILE B 118 -3.21 -29.12 24.03
C ILE B 118 -2.51 -30.17 24.91
N THR B 119 -1.33 -30.62 24.46
CA THR B 119 -0.46 -31.62 25.13
C THR B 119 0.41 -30.88 26.18
N PRO B 120 1.09 -31.56 27.12
CA PRO B 120 1.92 -30.83 28.11
C PRO B 120 2.98 -29.92 27.48
N GLU B 121 3.59 -30.38 26.35
CA GLU B 121 4.62 -29.66 25.60
C GLU B 121 4.05 -28.37 25.00
N GLN B 122 2.83 -28.45 24.44
CA GLN B 122 2.11 -27.32 23.84
C GLN B 122 1.71 -26.29 24.89
N LYS B 123 1.28 -26.76 26.10
CA LYS B 123 0.92 -25.91 27.24
C LYS B 123 2.16 -25.17 27.73
N ALA B 124 3.32 -25.87 27.84
CA ALA B 124 4.60 -25.31 28.28
C ALA B 124 5.03 -24.14 27.38
N GLU B 125 4.80 -24.26 26.05
CA GLU B 125 5.13 -23.24 25.03
C GLU B 125 4.21 -22.02 25.18
N LEU B 126 2.89 -22.25 25.37
CA LEU B 126 1.91 -21.18 25.59
C LEU B 126 2.21 -20.44 26.88
N ASP B 127 2.57 -21.19 27.96
CA ASP B 127 2.91 -20.64 29.27
C ASP B 127 4.21 -19.83 29.25
N LYS B 128 5.15 -20.18 28.36
CA LYS B 128 6.42 -19.47 28.19
C LYS B 128 6.12 -18.07 27.64
N PHE B 129 5.32 -18.01 26.56
CA PHE B 129 4.93 -16.76 25.92
C PHE B 129 4.05 -15.88 26.80
N THR B 130 3.20 -16.50 27.66
CA THR B 130 2.35 -15.79 28.64
C THR B 130 3.26 -15.00 29.60
N LYS B 131 4.30 -15.67 30.14
CA LYS B 131 5.30 -15.10 31.07
C LYS B 131 6.04 -13.90 30.46
N ILE B 132 6.48 -13.97 29.17
CA ILE B 132 7.19 -12.85 28.52
C ILE B 132 6.22 -11.71 28.16
N PHE B 133 4.94 -12.05 27.89
CA PHE B 133 3.93 -11.04 27.53
C PHE B 133 3.40 -10.25 28.74
N GLU B 134 3.65 -10.74 29.96
CA GLU B 134 3.29 -10.08 31.22
C GLU B 134 4.28 -8.93 31.41
N GLY B 135 3.76 -7.71 31.58
CA GLY B 135 4.59 -6.51 31.69
C GLY B 135 4.72 -5.77 30.37
N VAL B 136 4.49 -6.48 29.25
CA VAL B 136 4.49 -5.96 27.88
C VAL B 136 3.10 -5.38 27.61
N LYS B 137 3.07 -4.15 27.05
CA LYS B 137 1.85 -3.45 26.63
C LYS B 137 1.32 -4.18 25.39
N PHE B 138 0.12 -4.74 25.48
CA PHE B 138 -0.49 -5.54 24.42
C PHE B 138 -1.81 -4.92 23.95
N GLY B 139 -1.96 -4.79 22.64
CA GLY B 139 -3.14 -4.19 22.02
C GLY B 139 -3.83 -5.12 21.05
N VAL B 140 -5.18 -5.12 21.07
CA VAL B 140 -6.02 -5.95 20.20
C VAL B 140 -7.19 -5.17 19.64
N GLN B 141 -7.77 -5.64 18.53
CA GLN B 141 -9.02 -5.05 18.06
C GLN B 141 -10.11 -5.69 18.93
N ALA B 142 -11.05 -4.86 19.43
CA ALA B 142 -12.16 -5.31 20.28
C ALA B 142 -13.16 -6.17 19.49
N GLY B 143 -13.73 -7.16 20.17
CA GLY B 143 -14.74 -8.07 19.61
C GLY B 143 -14.23 -9.05 18.58
N THR B 144 -12.91 -9.36 18.62
CA THR B 144 -12.28 -10.31 17.69
C THR B 144 -11.82 -11.56 18.41
N SER B 145 -11.35 -12.57 17.63
CA SER B 145 -10.80 -13.84 18.10
C SER B 145 -9.46 -13.59 18.78
N HIS B 146 -8.80 -12.46 18.44
CA HIS B 146 -7.54 -11.99 19.01
C HIS B 146 -7.78 -11.61 20.47
N GLU B 147 -8.88 -10.85 20.72
CA GLU B 147 -9.32 -10.44 22.05
C GLU B 147 -9.75 -11.67 22.84
N ALA B 148 -10.53 -12.59 22.21
CA ALA B 148 -11.03 -13.82 22.82
C ALA B 148 -9.90 -14.77 23.23
N PHE B 149 -8.83 -14.86 22.42
CA PHE B 149 -7.68 -15.69 22.73
C PHE B 149 -6.97 -15.16 23.96
N MET B 150 -6.74 -13.84 24.00
CA MET B 150 -6.05 -13.18 25.11
C MET B 150 -6.80 -13.33 26.43
N LYS B 151 -8.13 -13.13 26.44
CA LYS B 151 -8.95 -13.25 27.65
C LYS B 151 -9.05 -14.70 28.18
N GLN B 152 -9.12 -15.68 27.25
CA GLN B 152 -9.25 -17.11 27.54
C GLN B 152 -7.92 -17.86 27.82
N MET B 153 -6.90 -17.67 26.97
CA MET B 153 -5.61 -18.37 27.03
C MET B 153 -4.49 -17.63 27.76
N MET B 154 -4.51 -16.28 27.77
CA MET B 154 -3.50 -15.48 28.46
C MET B 154 -4.17 -14.42 29.41
N PRO B 155 -5.02 -14.85 30.40
CA PRO B 155 -5.70 -13.86 31.26
C PRO B 155 -4.81 -12.96 32.09
N SER B 156 -3.61 -13.42 32.46
CA SER B 156 -2.65 -12.66 33.27
C SER B 156 -2.01 -11.48 32.51
N VAL B 157 -2.13 -11.46 31.16
CA VAL B 157 -1.58 -10.42 30.27
C VAL B 157 -2.57 -9.23 30.18
N GLN B 158 -2.15 -8.02 30.58
CA GLN B 158 -3.04 -6.84 30.52
C GLN B 158 -3.10 -6.37 29.07
N ILE B 159 -4.33 -6.30 28.53
CA ILE B 159 -4.60 -5.92 27.14
C ILE B 159 -5.35 -4.59 27.02
N SER B 160 -5.12 -3.89 25.89
CA SER B 160 -5.77 -2.65 25.49
C SER B 160 -6.60 -3.01 24.25
N THR B 161 -7.85 -2.53 24.16
CA THR B 161 -8.73 -2.82 23.02
C THR B 161 -8.93 -1.60 22.16
N TYR B 162 -8.95 -1.81 20.84
CA TYR B 162 -9.10 -0.75 19.85
C TYR B 162 -10.30 -1.00 18.96
N ASP B 163 -10.90 0.08 18.42
CA ASP B 163 -12.04 0.01 17.52
C ASP B 163 -11.68 -0.70 16.20
N THR B 164 -10.51 -0.37 15.63
CA THR B 164 -10.03 -0.93 14.35
C THR B 164 -8.60 -1.45 14.48
N ILE B 165 -8.21 -2.35 13.55
CA ILE B 165 -6.86 -2.92 13.50
C ILE B 165 -5.80 -1.86 13.10
N ASP B 166 -6.23 -0.83 12.36
CA ASP B 166 -5.37 0.27 11.90
C ASP B 166 -4.79 1.08 13.05
N ASN B 167 -5.57 1.29 14.13
CA ASN B 167 -5.16 1.99 15.35
C ASN B 167 -4.16 1.15 16.16
N VAL B 168 -4.33 -0.19 16.15
CA VAL B 168 -3.45 -1.16 16.82
C VAL B 168 -2.04 -1.05 16.17
N VAL B 169 -2.00 -1.07 14.82
CA VAL B 169 -0.77 -0.96 14.01
C VAL B 169 -0.12 0.42 14.23
N MET B 170 -0.93 1.48 14.26
CA MET B 170 -0.53 2.88 14.47
C MET B 170 0.18 3.03 15.83
N ASP B 171 -0.43 2.51 16.90
CA ASP B 171 0.12 2.57 18.27
C ASP B 171 1.37 1.73 18.47
N LEU B 172 1.48 0.61 17.75
CA LEU B 172 2.65 -0.28 17.78
C LEU B 172 3.84 0.46 17.14
N LYS B 173 3.59 1.16 16.03
CA LYS B 173 4.59 1.93 15.30
C LYS B 173 4.99 3.19 16.06
N ALA B 174 4.06 3.74 16.86
CA ALA B 174 4.28 4.95 17.66
C ALA B 174 4.93 4.66 19.02
N GLY B 175 4.95 3.38 19.42
CA GLY B 175 5.53 2.94 20.68
C GLY B 175 4.57 2.98 21.87
N ARG B 176 3.27 3.17 21.59
CA ARG B 176 2.21 3.20 22.61
C ARG B 176 1.84 1.79 23.11
N ILE B 177 2.06 0.77 22.25
CA ILE B 177 1.90 -0.66 22.55
C ILE B 177 3.14 -1.42 22.07
N ASP B 178 3.43 -2.58 22.68
CA ASP B 178 4.63 -3.36 22.39
C ASP B 178 4.41 -4.57 21.47
N ALA B 179 3.22 -5.19 21.51
CA ALA B 179 2.88 -6.37 20.70
C ALA B 179 1.37 -6.52 20.41
N SER B 180 1.01 -7.40 19.46
CA SER B 180 -0.36 -7.70 19.06
C SER B 180 -0.44 -9.12 18.46
N LEU B 181 -1.63 -9.50 17.95
CA LEU B 181 -1.88 -10.77 17.29
C LEU B 181 -3.01 -10.64 16.27
N ALA B 182 -2.93 -11.43 15.18
CA ALA B 182 -3.87 -11.49 14.06
C ALA B 182 -3.54 -12.73 13.25
N SER B 183 -4.24 -12.96 12.14
CA SER B 183 -3.94 -14.09 11.27
C SER B 183 -2.73 -13.78 10.42
N VAL B 184 -2.07 -14.83 9.89
CA VAL B 184 -0.95 -14.70 8.95
C VAL B 184 -1.48 -14.03 7.65
N SER B 185 -2.76 -14.28 7.27
CA SER B 185 -3.36 -13.66 6.08
C SER B 185 -3.40 -12.12 6.18
N PHE B 186 -3.45 -11.57 7.41
CA PHE B 186 -3.39 -10.12 7.66
C PHE B 186 -1.92 -9.64 7.82
N LEU B 187 -1.13 -10.35 8.67
CA LEU B 187 0.25 -9.97 9.01
C LEU B 187 1.29 -10.16 7.91
N LYS B 188 1.17 -11.21 7.06
CA LYS B 188 2.12 -11.40 5.97
C LYS B 188 2.05 -10.25 4.94
N PRO B 189 0.89 -9.86 4.33
CA PRO B 189 0.92 -8.70 3.41
C PRO B 189 1.27 -7.39 4.11
N LEU B 190 0.98 -7.26 5.42
CA LEU B 190 1.34 -6.07 6.20
C LEU B 190 2.87 -6.00 6.35
N THR B 191 3.52 -7.10 6.81
CA THR B 191 4.98 -7.17 7.02
C THR B 191 5.79 -7.33 5.72
N ASP B 192 5.17 -7.74 4.59
CA ASP B 192 5.87 -7.83 3.29
C ASP B 192 6.10 -6.44 2.69
N LYS B 193 5.26 -5.45 3.05
CA LYS B 193 5.36 -4.07 2.59
C LYS B 193 6.71 -3.45 3.03
N PRO B 194 7.45 -2.76 2.11
CA PRO B 194 8.71 -2.12 2.54
C PRO B 194 8.47 -1.00 3.57
N ASP B 195 7.21 -0.54 3.65
CA ASP B 195 6.68 0.44 4.60
C ASP B 195 6.81 -0.08 6.04
N ASN B 196 6.63 -1.40 6.24
CA ASN B 196 6.63 -2.08 7.54
C ASN B 196 7.84 -3.00 7.77
N LYS B 197 9.02 -2.58 7.30
CA LYS B 197 10.30 -3.28 7.45
C LYS B 197 10.73 -3.32 8.93
N ASP B 198 10.24 -2.35 9.73
CA ASP B 198 10.43 -2.16 11.17
C ASP B 198 9.42 -3.02 12.00
N LEU B 199 8.56 -3.83 11.32
CA LEU B 199 7.57 -4.72 11.95
C LEU B 199 7.89 -6.19 11.64
N LYS B 200 7.59 -7.09 12.59
CA LYS B 200 7.87 -8.51 12.41
C LYS B 200 6.81 -9.40 13.02
N MET B 201 6.50 -10.53 12.32
CA MET B 201 5.64 -11.61 12.81
C MET B 201 6.58 -12.47 13.67
N PHE B 202 6.09 -13.01 14.79
CA PHE B 202 6.90 -13.85 15.66
C PHE B 202 6.03 -14.80 16.45
N GLY B 203 6.66 -15.76 17.08
CA GLY B 203 6.01 -16.77 17.90
C GLY B 203 5.43 -17.94 17.15
N PRO B 204 4.64 -18.79 17.84
CA PRO B 204 4.05 -19.94 17.15
C PRO B 204 2.84 -19.59 16.29
N ARG B 205 2.62 -20.39 15.23
CA ARG B 205 1.48 -20.28 14.34
C ARG B 205 0.41 -21.20 14.90
N MET B 206 -0.68 -20.62 15.43
CA MET B 206 -1.76 -21.34 16.10
C MET B 206 -3.00 -21.53 15.25
N THR B 207 -3.65 -22.69 15.40
CA THR B 207 -4.88 -23.11 14.72
C THR B 207 -5.75 -23.87 15.71
N GLY B 208 -7.02 -24.04 15.37
CA GLY B 208 -7.97 -24.81 16.16
C GLY B 208 -8.39 -24.19 17.48
N GLY B 209 -9.06 -25.00 18.29
CA GLY B 209 -9.58 -24.60 19.59
C GLY B 209 -10.63 -23.51 19.45
N LEU B 210 -10.39 -22.37 20.10
CA LEU B 210 -11.28 -21.21 20.07
C LEU B 210 -11.23 -20.47 18.72
N PHE B 211 -10.18 -20.68 17.89
CA PHE B 211 -10.10 -20.04 16.58
C PHE B 211 -11.03 -20.66 15.57
N GLY B 212 -11.17 -21.98 15.62
CA GLY B 212 -12.01 -22.70 14.67
C GLY B 212 -11.30 -22.89 13.34
N LYS B 213 -12.06 -23.29 12.32
CA LYS B 213 -11.51 -23.55 10.99
C LYS B 213 -11.95 -22.52 9.92
N GLY B 214 -10.97 -21.74 9.47
CA GLY B 214 -11.11 -20.73 8.43
C GLY B 214 -12.11 -19.60 8.56
N VAL B 215 -12.19 -18.77 7.49
CA VAL B 215 -13.05 -17.61 7.33
C VAL B 215 -14.25 -17.97 6.45
N GLY B 216 -15.44 -17.65 6.93
CA GLY B 216 -16.69 -17.93 6.21
C GLY B 216 -17.61 -16.74 6.09
N VAL B 217 -18.69 -16.91 5.30
CA VAL B 217 -19.74 -15.91 5.10
C VAL B 217 -20.72 -16.10 6.27
N GLY B 218 -21.03 -15.00 6.96
CA GLY B 218 -21.98 -14.99 8.07
C GLY B 218 -23.38 -14.80 7.54
N ILE B 219 -24.29 -15.71 7.89
CA ILE B 219 -25.68 -15.72 7.44
C ILE B 219 -26.59 -15.94 8.69
N ARG B 220 -27.88 -15.53 8.61
CA ARG B 220 -28.82 -15.77 9.70
C ARG B 220 -29.13 -17.27 9.73
N LYS B 221 -29.35 -17.81 10.93
CA LYS B 221 -29.65 -19.23 11.11
C LYS B 221 -30.91 -19.71 10.36
N GLU B 222 -31.95 -18.86 10.28
CA GLU B 222 -33.21 -19.18 9.59
C GLU B 222 -33.09 -19.18 8.06
N ASP B 223 -31.95 -18.69 7.50
CA ASP B 223 -31.71 -18.66 6.05
C ASP B 223 -30.83 -19.83 5.60
N ALA B 224 -31.39 -21.05 5.68
CA ALA B 224 -30.75 -22.30 5.28
C ALA B 224 -30.53 -22.36 3.76
N ASP B 225 -31.49 -21.84 2.96
CA ASP B 225 -31.43 -21.77 1.50
C ASP B 225 -30.28 -20.90 1.01
N LEU B 226 -30.10 -19.71 1.65
CA LEU B 226 -29.02 -18.77 1.31
C LEU B 226 -27.65 -19.41 1.62
N LYS B 227 -27.55 -20.14 2.75
CA LYS B 227 -26.36 -20.86 3.19
C LYS B 227 -25.98 -21.95 2.16
N ALA B 228 -26.99 -22.71 1.66
CA ALA B 228 -26.82 -23.76 0.67
C ALA B 228 -26.30 -23.19 -0.66
N LEU B 229 -26.84 -22.02 -1.09
CA LEU B 229 -26.43 -21.29 -2.30
C LEU B 229 -24.98 -20.83 -2.18
N PHE B 230 -24.59 -20.22 -1.04
CA PHE B 230 -23.22 -19.76 -0.76
C PHE B 230 -22.23 -20.92 -0.76
N ASP B 231 -22.59 -22.06 -0.14
CA ASP B 231 -21.75 -23.27 -0.07
C ASP B 231 -21.46 -23.86 -1.45
N LYS B 232 -22.49 -23.90 -2.32
CA LYS B 232 -22.39 -24.40 -3.69
C LYS B 232 -21.49 -23.46 -4.52
N ALA B 233 -21.67 -22.12 -4.37
CA ALA B 233 -20.87 -21.10 -5.06
C ALA B 233 -19.39 -21.10 -4.60
N ILE B 234 -19.14 -21.27 -3.28
CA ILE B 234 -17.79 -21.36 -2.70
C ILE B 234 -17.07 -22.61 -3.20
N ASP B 235 -17.76 -23.77 -3.23
CA ASP B 235 -17.20 -25.03 -3.72
C ASP B 235 -16.76 -24.92 -5.19
N ALA B 236 -17.56 -24.24 -6.02
CA ALA B 236 -17.26 -24.02 -7.44
C ALA B 236 -16.10 -23.03 -7.65
N ALA B 237 -16.02 -21.96 -6.83
CA ALA B 237 -14.96 -20.95 -6.90
C ALA B 237 -13.61 -21.53 -6.45
N ILE B 238 -13.63 -22.50 -5.49
CA ILE B 238 -12.41 -23.18 -5.04
C ILE B 238 -11.94 -24.12 -6.16
N ALA B 239 -12.85 -24.95 -6.69
CA ALA B 239 -12.58 -25.94 -7.75
C ALA B 239 -12.01 -25.39 -9.07
N ASP B 240 -12.45 -24.19 -9.52
CA ASP B 240 -11.97 -23.63 -10.78
C ASP B 240 -10.70 -22.72 -10.64
N GLY B 241 -10.21 -22.57 -9.40
CA GLY B 241 -9.00 -21.80 -9.08
C GLY B 241 -9.18 -20.31 -8.85
N THR B 242 -10.44 -19.83 -8.78
CA THR B 242 -10.81 -18.43 -8.55
C THR B 242 -10.35 -17.94 -7.15
N VAL B 243 -10.57 -18.73 -6.10
CA VAL B 243 -10.16 -18.36 -4.73
C VAL B 243 -8.62 -18.28 -4.64
N GLN B 244 -7.91 -19.21 -5.30
CA GLN B 244 -6.45 -19.23 -5.35
C GLN B 244 -5.89 -17.99 -6.11
N LYS B 245 -6.53 -17.62 -7.24
CA LYS B 245 -6.17 -16.48 -8.07
C LYS B 245 -6.36 -15.15 -7.32
N LEU B 246 -7.47 -15.02 -6.56
CA LEU B 246 -7.76 -13.81 -5.80
C LEU B 246 -6.89 -13.71 -4.56
N SER B 247 -6.57 -14.88 -3.95
CA SER B 247 -5.70 -14.95 -2.77
C SER B 247 -4.29 -14.47 -3.13
N GLN B 248 -3.73 -14.96 -4.27
CA GLN B 248 -2.39 -14.53 -4.74
C GLN B 248 -2.34 -13.02 -5.03
N GLN B 249 -3.40 -12.50 -5.64
CA GLN B 249 -3.61 -11.10 -6.00
C GLN B 249 -3.59 -10.16 -4.78
N TRP B 250 -4.39 -10.47 -3.75
CA TRP B 250 -4.52 -9.62 -2.57
C TRP B 250 -3.56 -9.96 -1.42
N PHE B 251 -3.27 -11.24 -1.17
CA PHE B 251 -2.41 -11.64 -0.05
C PHE B 251 -0.93 -11.90 -0.44
N GLY B 252 -0.67 -12.12 -1.74
CA GLY B 252 0.67 -12.42 -2.24
C GLY B 252 1.09 -13.86 -2.01
N TYR B 253 0.13 -14.74 -1.65
CA TYR B 253 0.32 -16.18 -1.41
C TYR B 253 -1.03 -16.91 -1.47
N ASP B 254 -1.01 -18.24 -1.55
CA ASP B 254 -2.23 -19.04 -1.63
C ASP B 254 -2.71 -19.50 -0.26
N ALA B 255 -3.84 -18.91 0.23
CA ALA B 255 -4.47 -19.23 1.51
C ALA B 255 -5.83 -19.92 1.31
N SER B 256 -6.16 -20.26 0.05
CA SER B 256 -7.41 -20.94 -0.29
C SER B 256 -7.48 -22.37 0.29
N PRO B 257 -8.69 -22.90 0.60
CA PRO B 257 -8.76 -24.29 1.09
C PRO B 257 -8.44 -25.30 -0.02
N LYS B 258 -8.00 -26.51 0.36
CA LYS B 258 -7.63 -27.57 -0.60
C LYS B 258 -8.75 -28.57 -0.89
O 6DB C . 7.65 12.69 -12.82
C 6DB C . 7.69 12.20 -11.68
CA 6DB C . 8.71 12.64 -10.71
CB 6DB C . 9.90 11.66 -10.67
N 6DB C . 9.20 14.00 -10.92
CAI 6DB C . 8.23 15.13 -11.01
CAE 6DB C . 8.96 16.44 -11.07
OAB 6DB C . 10.14 16.54 -10.66
OAF 6DB C . 8.37 17.48 -11.54
CAK 6DB C . 7.16 15.15 -9.90
CAL 6DB C . 7.78 15.08 -8.48
CAM 6DB C . 6.89 15.70 -7.43
NAN 6DB C . 7.51 15.35 -6.21
CAP 6DB C . 6.81 15.33 -5.02
NAO 6DB C . 7.43 15.00 -3.93
NAQ 6DB C . 5.56 15.63 -5.02
OXT 6DB C . 6.81 11.34 -11.38
C1 EDO D . 14.18 11.22 12.33
O1 EDO D . 15.40 10.93 13.00
C2 EDO D . 14.47 11.88 10.96
O2 EDO D . 15.33 11.06 10.19
C1 EDO E . 19.36 18.95 -18.06
O1 EDO E . 18.64 19.18 -16.85
C2 EDO E . 20.25 17.71 -17.91
O2 EDO E . 21.24 17.95 -16.92
C1 EDO F . 10.68 13.32 -14.12
O1 EDO F . 9.90 14.46 -14.35
C2 EDO F . 11.43 12.86 -15.36
O2 EDO F . 10.85 11.61 -15.60
S SO4 G . 16.12 12.61 -31.38
O1 SO4 G . 15.50 11.41 -31.96
O2 SO4 G . 16.59 13.50 -32.45
O3 SO4 G . 15.13 13.31 -30.54
O4 SO4 G . 17.27 12.20 -30.56
CL CL H . 12.57 9.12 8.47
CL CL I . 16.66 -3.73 4.03
CL CL J . 22.43 -4.67 2.34
CL CL K . 12.13 1.51 -32.50
CL CL L . 13.53 -5.27 -13.46
CL CL M . 26.04 13.89 -14.31
CL CL N . 32.43 4.50 3.31
C1 PEG O . 35.82 9.35 3.37
O1 PEG O . 35.36 8.61 2.25
C2 PEG O . 34.72 9.65 4.34
O2 PEG O . 34.00 8.47 4.66
C3 PEG O . 34.10 8.09 6.02
C4 PEG O . 33.10 7.01 6.32
O4 PEG O . 33.21 6.57 7.65
CL CL P . -9.16 -18.83 11.79
CL CL Q . 5.99 -16.79 6.16
O 6DB R . -6.94 -11.84 11.21
C 6DB R . -7.85 -12.57 11.69
CA 6DB R . -9.17 -12.60 11.05
CB 6DB R . -9.15 -13.49 9.78
N 6DB R . -10.25 -13.00 11.93
CAI 6DB R . -10.56 -12.16 13.11
CAE 6DB R . -11.90 -12.54 13.65
OAB 6DB R . -12.72 -13.20 12.96
OAF 6DB R . -12.24 -12.16 14.83
CAK 6DB R . -10.50 -10.64 12.88
CAL 6DB R . -11.61 -10.12 11.93
CAM 6DB R . -11.67 -8.61 11.92
NAN 6DB R . -12.35 -8.28 10.72
CAP 6DB R . -12.55 -6.94 10.37
NAO 6DB R . -13.19 -6.68 9.26
NAQ 6DB R . -12.12 -6.01 11.15
OXT 6DB R . -7.61 -13.25 12.71
#